data_2YOL
#
_entry.id   2YOL
#
_cell.length_a   118.700
_cell.length_b   118.700
_cell.length_c   66.300
_cell.angle_alpha   90.00
_cell.angle_beta   90.00
_cell.angle_gamma   120.00
#
_symmetry.space_group_name_H-M   'P 32 2 1'
#
loop_
_entity.id
_entity.type
_entity.pdbx_description
1 polymer 'SERINE PROTEASE SUBUNIT NS2B, SERINE PROTEASE NS3'
2 non-polymer 'CHLORIDE ION'
3 non-polymer (S)-6-amino-N-((S)-6-amino-1-(((1r,4S)-4-guanidinocyclohexyl)methylamino)-1-oxohexan-2-yl)-2-(2-(3,4-dichlorophenyl)acetamido)hexanamide
4 non-polymer 'NICKEL (II) ION'
5 water water
#
_entity_poly.entity_id   1
_entity_poly.type   'polypeptide(L)'
_entity_poly.pdbx_seq_one_letter_code
;GSHMTDMWIERTADITWESDAEITGSSERVDVRLDDDGNFQLMNDPGAPWAGGGGSGGGGGGVLWDTPSPKEYKKGDTTT
GVYRIMTRGLLGSYQAGAGVMVEGVFHTLWHTTKGAALMSGEGRLDPYWGSVKEDRLCYGGPWKLQHKWNGHDEVQMIVV
EPGKNVKNVQTKPGVFKTPEGEIGAVTLDYPTGTSGSPIVDKNGDVIGLYGNGVIMPNGSYISAIVQGER
;
_entity_poly.pdbx_strand_id   A
#
# COMPACT_ATOMS: atom_id res chain seq x y z
N SER A 2 -25.88 6.79 -7.89
CA SER A 2 -26.49 5.44 -7.71
C SER A 2 -25.39 4.40 -7.51
N HIS A 3 -24.31 4.82 -6.87
CA HIS A 3 -23.02 4.16 -6.98
C HIS A 3 -22.27 4.27 -5.63
N MET A 4 -22.89 3.74 -4.59
CA MET A 4 -22.65 4.24 -3.25
C MET A 4 -22.12 3.14 -2.34
N THR A 5 -21.09 3.44 -1.55
CA THR A 5 -20.51 2.45 -0.69
C THR A 5 -20.15 3.14 0.58
N ASP A 6 -19.98 2.35 1.63
CA ASP A 6 -19.37 2.80 2.86
C ASP A 6 -18.02 3.49 2.61
N MET A 7 -17.30 3.08 1.57
CA MET A 7 -15.95 3.62 1.31
C MET A 7 -15.77 4.38 0.00
N TRP A 8 -14.88 5.38 0.04
CA TRP A 8 -14.56 6.19 -1.12
C TRP A 8 -13.10 6.61 -1.06
N ILE A 9 -12.60 7.14 -2.17
CA ILE A 9 -11.20 7.55 -2.26
C ILE A 9 -11.09 9.00 -2.69
N GLU A 10 -10.03 9.66 -2.28
CA GLU A 10 -9.82 11.07 -2.62
C GLU A 10 -8.40 11.28 -3.12
N ARG A 11 -8.27 11.79 -4.35
CA ARG A 11 -6.95 12.07 -4.90
C ARG A 11 -6.32 13.18 -4.09
N THR A 12 -5.11 12.95 -3.62
CA THR A 12 -4.53 13.88 -2.66
C THR A 12 -3.11 14.34 -3.01
N ALA A 13 -2.41 13.62 -3.88
CA ALA A 13 -1.08 14.04 -4.27
C ALA A 13 -0.61 13.36 -5.53
N ASP A 14 0.44 13.92 -6.13
CA ASP A 14 1.12 13.34 -7.28
C ASP A 14 2.11 12.30 -6.84
N ILE A 15 2.39 11.35 -7.73
CA ILE A 15 3.43 10.34 -7.52
C ILE A 15 4.78 10.89 -8.00
N THR A 16 5.63 11.26 -7.04
CA THR A 16 6.87 11.97 -7.36
C THR A 16 7.99 11.60 -6.40
N TRP A 17 9.23 11.75 -6.87
CA TRP A 17 10.37 11.72 -5.98
C TRP A 17 10.67 13.16 -5.57
N GLU A 18 10.56 13.46 -4.28
CA GLU A 18 10.88 14.79 -3.74
C GLU A 18 12.34 14.88 -3.32
N SER A 19 13.00 15.98 -3.64
CA SER A 19 14.45 16.12 -3.35
C SER A 19 14.78 16.76 -2.01
N ASP A 20 13.92 17.67 -1.57
CA ASP A 20 13.99 18.26 -0.24
C ASP A 20 13.50 17.28 0.86
N ALA A 21 13.38 15.99 0.52
CA ALA A 21 12.77 14.99 1.42
C ALA A 21 13.65 14.62 2.61
N GLU A 22 13.02 14.50 3.77
CA GLU A 22 13.71 14.26 5.03
C GLU A 22 14.27 12.84 5.06
N ILE A 23 15.54 12.70 5.38
CA ILE A 23 16.11 11.35 5.47
C ILE A 23 15.89 10.78 6.89
N THR A 24 15.76 9.46 6.99
CA THR A 24 15.21 8.82 8.18
C THR A 24 15.25 7.29 8.10
N GLY A 25 14.68 6.64 9.12
CA GLY A 25 14.65 5.17 9.21
C GLY A 25 16.04 4.57 9.34
N SER A 26 16.12 3.26 9.15
CA SER A 26 17.40 2.54 9.27
C SER A 26 17.34 1.19 8.54
N SER A 27 18.50 0.66 8.17
CA SER A 27 18.56 -0.50 7.29
C SER A 27 18.85 -1.83 8.00
N GLU A 28 17.80 -2.57 8.35
CA GLU A 28 17.92 -3.82 9.11
C GLU A 28 17.90 -5.06 8.22
N ARG A 29 18.57 -6.12 8.67
CA ARG A 29 18.38 -7.44 8.09
C ARG A 29 17.66 -8.25 9.14
N VAL A 30 16.59 -8.93 8.75
CA VAL A 30 15.92 -9.82 9.69
C VAL A 30 15.34 -11.06 9.00
N ASP A 31 15.27 -12.15 9.77
CA ASP A 31 14.79 -13.43 9.27
C ASP A 31 13.29 -13.56 9.52
N VAL A 32 12.50 -13.53 8.46
CA VAL A 32 11.05 -13.63 8.61
C VAL A 32 10.36 -14.66 7.71
N ARG A 33 9.08 -14.92 7.98
CA ARG A 33 8.31 -15.89 7.22
C ARG A 33 6.87 -15.41 7.09
N LEU A 34 6.38 -15.27 5.87
CA LEU A 34 4.99 -14.87 5.67
C LEU A 34 4.09 -16.08 5.79
N ASP A 35 3.25 -16.14 6.82
CA ASP A 35 2.26 -17.22 6.95
C ASP A 35 1.12 -17.06 5.92
N ASP A 36 0.16 -17.99 5.90
CA ASP A 36 -0.92 -17.97 4.87
C ASP A 36 -2.09 -17.06 5.25
N ASP A 37 -1.99 -16.44 6.44
CA ASP A 37 -2.92 -15.38 6.83
C ASP A 37 -2.52 -14.05 6.21
N GLY A 38 -1.21 -13.83 6.07
CA GLY A 38 -0.69 -12.57 5.55
C GLY A 38 0.10 -11.85 6.63
N ASN A 39 0.39 -12.55 7.71
CA ASN A 39 1.23 -11.99 8.77
C ASN A 39 2.65 -12.49 8.69
N PHE A 40 3.60 -11.57 8.62
CA PHE A 40 4.99 -11.94 8.71
C PHE A 40 5.28 -12.31 10.14
N GLN A 41 6.13 -13.32 10.32
CA GLN A 41 6.58 -13.78 11.63
C GLN A 41 8.10 -13.79 11.69
N LEU A 42 8.67 -13.48 12.87
CA LEU A 42 10.10 -13.65 13.09
C LEU A 42 10.39 -15.10 13.48
N MET A 43 11.68 -15.43 13.66
CA MET A 43 12.15 -16.75 14.13
CA MET A 43 12.05 -16.77 14.10
C MET A 43 11.93 -16.91 15.64
N ASN A 44 10.70 -17.21 16.05
CA ASN A 44 10.21 -17.27 17.46
C ASN A 44 9.56 -15.95 17.98
N ASP A 45 8.32 -15.73 17.52
CA ASP A 45 7.57 -14.46 17.63
C ASP A 45 6.85 -14.29 18.99
N PRO A 46 6.91 -13.07 19.59
CA PRO A 46 6.06 -12.75 20.75
C PRO A 46 4.77 -12.01 20.35
N GLY A 62 -3.92 -15.65 -4.34
CA GLY A 62 -5.32 -15.16 -4.14
C GLY A 62 -6.21 -15.24 -5.36
N VAL A 63 -7.48 -14.89 -5.18
CA VAL A 63 -8.57 -15.07 -6.16
C VAL A 63 -8.86 -13.87 -7.09
N LEU A 64 -9.42 -14.15 -8.28
CA LEU A 64 -9.90 -13.12 -9.21
C LEU A 64 -11.42 -12.92 -9.05
N TRP A 65 -11.94 -11.82 -9.59
CA TRP A 65 -13.38 -11.47 -9.52
C TRP A 65 -14.04 -11.48 -10.90
N ASP A 66 -15.25 -12.07 -10.96
CA ASP A 66 -16.08 -12.05 -12.19
C ASP A 66 -16.60 -10.65 -12.59
N THR A 67 -16.81 -9.78 -11.59
CA THR A 67 -17.19 -8.37 -11.79
C THR A 67 -17.89 -8.11 -13.14
N SER A 69 -19.68 -7.88 -16.02
CA SER A 69 -21.07 -7.85 -16.47
C SER A 69 -21.67 -6.42 -16.43
N PRO A 70 -22.78 -6.16 -17.19
CA PRO A 70 -23.41 -4.82 -17.31
C PRO A 70 -23.83 -4.21 -15.97
N LYS A 71 -22.97 -3.36 -15.43
CA LYS A 71 -23.16 -2.78 -14.10
C LYS A 71 -24.21 -1.67 -14.09
N GLU A 72 -24.83 -1.46 -12.93
CA GLU A 72 -25.92 -0.47 -12.76
C GLU A 72 -25.42 0.97 -12.47
N TYR A 73 -24.10 1.18 -12.51
CA TYR A 73 -23.45 2.45 -12.13
C TYR A 73 -22.23 2.70 -13.01
N LYS A 74 -21.83 3.96 -13.14
CA LYS A 74 -20.63 4.34 -13.92
C LYS A 74 -19.37 3.70 -13.31
N LYS A 75 -18.30 3.61 -14.10
CA LYS A 75 -17.00 3.20 -13.55
C LYS A 75 -16.39 4.42 -12.85
N GLY A 76 -15.57 4.16 -11.84
CA GLY A 76 -14.97 5.22 -11.04
C GLY A 76 -14.05 6.13 -11.81
N ASP A 77 -13.40 7.06 -11.11
CA ASP A 77 -12.60 8.07 -11.74
C ASP A 77 -11.27 7.56 -12.33
N THR A 78 -10.45 6.89 -11.54
CA THR A 78 -9.12 6.39 -12.02
C THR A 78 -8.05 7.39 -12.56
N THR A 79 -8.17 8.68 -12.30
CA THR A 79 -7.02 9.56 -12.60
C THR A 79 -5.77 9.08 -11.87
N THR A 80 -4.62 9.09 -12.55
CA THR A 80 -3.35 8.74 -11.91
C THR A 80 -3.00 9.63 -10.71
N GLY A 81 -2.42 9.01 -9.70
CA GLY A 81 -1.96 9.74 -8.52
C GLY A 81 -2.14 8.98 -7.21
N VAL A 82 -1.81 9.67 -6.11
CA VAL A 82 -1.84 9.10 -4.78
C VAL A 82 -3.15 9.50 -4.12
N TYR A 83 -3.73 8.57 -3.36
CA TYR A 83 -5.12 8.65 -2.87
C TYR A 83 -5.26 8.34 -1.38
N ARG A 84 -6.30 8.93 -0.76
CA ARG A 84 -6.72 8.57 0.60
C ARG A 84 -7.91 7.64 0.46
N ILE A 85 -8.01 6.63 1.32
CA ILE A 85 -9.21 5.79 1.32
C ILE A 85 -10.04 6.13 2.52
N MET A 86 -11.26 6.61 2.28
CA MET A 86 -12.09 7.17 3.34
C MET A 86 -13.26 6.27 3.69
N THR A 87 -13.72 6.37 4.93
CA THR A 87 -14.95 5.72 5.38
C THR A 87 -15.44 6.40 6.67
N ARG A 88 -16.67 6.10 7.09
CA ARG A 88 -17.22 6.73 8.29
C ARG A 88 -17.48 5.68 9.34
N GLY A 89 -17.16 5.99 10.60
CA GLY A 89 -17.54 5.15 11.74
C GLY A 89 -18.64 5.83 12.52
N LEU A 90 -18.85 5.42 13.77
CA LEU A 90 -19.89 6.04 14.58
C LEU A 90 -19.62 7.52 14.93
N LEU A 91 -18.34 7.85 15.07
CA LEU A 91 -17.98 9.23 15.38
C LEU A 91 -17.71 10.04 14.10
N GLY A 92 -18.16 9.54 12.95
CA GLY A 92 -17.96 10.28 11.69
C GLY A 92 -16.77 9.76 10.92
N SER A 93 -16.28 10.54 9.97
CA SER A 93 -15.32 10.03 8.97
C SER A 93 -13.90 9.79 9.49
N TYR A 94 -13.20 8.89 8.82
CA TYR A 94 -11.80 8.62 9.09
C TYR A 94 -11.13 7.98 7.87
N GLN A 95 -9.81 8.10 7.79
CA GLN A 95 -9.07 7.54 6.67
C GLN A 95 -8.71 6.09 7.00
N ALA A 96 -9.32 5.17 6.24
CA ALA A 96 -9.09 3.75 6.40
C ALA A 96 -7.73 3.32 5.86
N GLY A 97 -7.32 3.85 4.71
CA GLY A 97 -6.01 3.55 4.17
C GLY A 97 -5.63 4.55 3.09
N ALA A 98 -4.60 4.18 2.32
CA ALA A 98 -4.20 4.93 1.13
C ALA A 98 -3.92 3.97 -0.03
N GLY A 99 -3.68 4.54 -1.21
CA GLY A 99 -3.29 3.73 -2.37
C GLY A 99 -2.83 4.58 -3.55
N VAL A 100 -2.47 3.91 -4.63
CA VAL A 100 -2.06 4.60 -5.86
C VAL A 100 -2.89 4.20 -7.03
N MET A 101 -3.17 5.20 -7.85
CA MET A 101 -3.88 5.00 -9.09
C MET A 101 -2.81 5.13 -10.16
N VAL A 102 -2.60 4.04 -10.90
CA VAL A 102 -1.57 3.96 -11.93
C VAL A 102 -2.06 3.11 -13.10
N GLU A 103 -1.84 3.61 -14.33
CA GLU A 103 -2.31 2.95 -15.57
C GLU A 103 -3.77 2.48 -15.41
N GLY A 104 -4.60 3.38 -14.87
CA GLY A 104 -6.03 3.13 -14.71
C GLY A 104 -6.48 2.13 -13.66
N VAL A 105 -5.56 1.50 -12.92
CA VAL A 105 -5.97 0.62 -11.82
C VAL A 105 -5.69 1.27 -10.46
N PHE A 106 -6.51 0.96 -9.45
CA PHE A 106 -6.25 1.40 -8.07
C PHE A 106 -5.59 0.32 -7.18
N HIS A 107 -4.44 0.64 -6.61
CA HIS A 107 -3.63 -0.34 -5.88
C HIS A 107 -3.56 0.03 -4.42
N THR A 108 -3.78 -0.93 -3.54
CA THR A 108 -3.71 -0.69 -2.08
C THR A 108 -3.32 -1.96 -1.32
N LEU A 109 -3.11 -1.89 -0.01
CA LEU A 109 -2.98 -3.13 0.76
C LEU A 109 -4.37 -3.71 0.89
N TRP A 110 -4.46 -5.03 1.11
CA TRP A 110 -5.74 -5.72 1.19
C TRP A 110 -6.46 -5.39 2.50
N HIS A 111 -5.70 -5.32 3.60
CA HIS A 111 -6.30 -5.05 4.90
C HIS A 111 -7.02 -3.72 5.00
N THR A 112 -6.66 -2.75 4.16
CA THR A 112 -7.33 -1.46 4.15
C THR A 112 -8.82 -1.55 3.89
N THR A 113 -9.26 -2.23 2.83
CA THR A 113 -10.68 -2.29 2.53
C THR A 113 -11.26 -3.69 2.54
N LYS A 114 -10.41 -4.70 2.78
CA LYS A 114 -10.84 -6.11 2.72
C LYS A 114 -11.71 -6.35 1.49
N GLY A 115 -11.44 -5.68 0.39
CA GLY A 115 -12.16 -5.97 -0.83
C GLY A 115 -13.43 -5.17 -1.08
N ALA A 116 -13.86 -4.40 -0.07
CA ALA A 116 -15.00 -3.44 -0.16
C ALA A 116 -14.98 -2.56 -1.43
N ALA A 117 -16.15 -2.31 -2.03
CA ALA A 117 -16.22 -1.46 -3.25
C ALA A 117 -15.90 -0.01 -2.92
N LEU A 118 -15.51 0.78 -3.92
CA LEU A 118 -15.04 2.13 -3.65
C LEU A 118 -15.63 3.13 -4.58
N MET A 119 -16.16 4.22 -4.01
CA MET A 119 -16.66 5.33 -4.78
C MET A 119 -15.50 6.18 -5.22
N SER A 120 -15.45 6.55 -6.50
CA SER A 120 -14.48 7.51 -7.00
C SER A 120 -15.23 8.41 -7.97
N GLY A 121 -15.41 9.68 -7.61
CA GLY A 121 -16.16 10.64 -8.44
C GLY A 121 -17.56 10.17 -8.79
N GLU A 122 -18.01 10.47 -10.00
CA GLU A 122 -19.32 10.06 -10.51
C GLU A 122 -19.62 8.55 -10.42
N GLY A 123 -18.58 7.72 -10.40
CA GLY A 123 -18.78 6.28 -10.53
C GLY A 123 -18.22 5.50 -9.38
N ARG A 124 -18.02 4.20 -9.60
CA ARG A 124 -17.61 3.27 -8.55
C ARG A 124 -16.63 2.22 -9.06
N LEU A 125 -15.67 1.87 -8.21
CA LEU A 125 -14.63 0.90 -8.53
C LEU A 125 -14.86 -0.38 -7.76
N ASP A 126 -14.81 -1.51 -8.47
CA ASP A 126 -14.96 -2.83 -7.86
C ASP A 126 -13.64 -3.53 -7.92
N PRO A 127 -13.35 -4.39 -6.91
CA PRO A 127 -12.08 -5.11 -6.90
C PRO A 127 -11.94 -6.01 -8.11
N TYR A 128 -10.69 -6.22 -8.52
CA TYR A 128 -10.32 -7.05 -9.65
C TYR A 128 -9.58 -8.28 -9.13
N TRP A 129 -8.41 -8.05 -8.58
CA TRP A 129 -7.64 -9.14 -8.02
C TRP A 129 -7.24 -8.76 -6.63
N GLY A 130 -7.02 -9.75 -5.78
CA GLY A 130 -6.46 -9.52 -4.46
C GLY A 130 -5.93 -10.78 -3.83
N SER A 131 -4.94 -10.65 -2.94
CA SER A 131 -4.40 -11.80 -2.22
C SER A 131 -4.33 -11.50 -0.74
N VAL A 132 -5.06 -12.27 0.06
CA VAL A 132 -5.02 -12.08 1.49
C VAL A 132 -3.60 -12.36 2.03
N LYS A 133 -2.95 -13.39 1.48
CA LYS A 133 -1.63 -13.83 1.95
C LYS A 133 -0.56 -12.77 1.71
N GLU A 134 -0.63 -12.12 0.55
CA GLU A 134 0.34 -11.08 0.20
C GLU A 134 -0.11 -9.68 0.56
N ASP A 135 -1.36 -9.59 1.03
CA ASP A 135 -1.95 -8.35 1.51
C ASP A 135 -1.93 -7.30 0.40
N ARG A 136 -2.40 -7.68 -0.78
CA ARG A 136 -2.43 -6.74 -1.88
C ARG A 136 -3.78 -6.82 -2.53
N LEU A 137 -4.26 -5.69 -3.05
CA LEU A 137 -5.58 -5.60 -3.64
C LEU A 137 -5.58 -4.54 -4.71
N CYS A 138 -6.35 -4.73 -5.77
CA CYS A 138 -6.43 -3.69 -6.81
C CYS A 138 -7.80 -3.64 -7.47
N TYR A 139 -8.13 -2.49 -8.06
CA TYR A 139 -9.49 -2.23 -8.52
C TYR A 139 -9.54 -1.88 -9.98
N GLY A 140 -10.49 -2.50 -10.68
CA GLY A 140 -10.84 -2.14 -12.05
C GLY A 140 -9.82 -2.46 -13.12
N GLY A 141 -9.15 -3.62 -12.98
CA GLY A 141 -8.09 -4.07 -13.90
C GLY A 141 -6.98 -4.77 -13.14
N PRO A 142 -6.05 -5.44 -13.86
CA PRO A 142 -5.00 -6.21 -13.17
C PRO A 142 -3.79 -5.34 -12.71
N TRP A 143 -3.00 -5.91 -11.80
CA TRP A 143 -1.96 -5.18 -11.07
C TRP A 143 -0.99 -4.41 -11.98
N LYS A 144 -0.92 -3.10 -11.85
CA LYS A 144 -0.13 -2.35 -12.81
C LYS A 144 1.33 -2.09 -12.44
N LEU A 145 1.69 -2.31 -11.18
CA LEU A 145 3.01 -1.89 -10.64
C LEU A 145 4.08 -2.96 -10.85
N GLN A 146 4.80 -2.84 -11.96
CA GLN A 146 5.77 -3.85 -12.34
CA GLN A 146 5.79 -3.82 -12.39
C GLN A 146 7.14 -3.47 -11.79
N HIS A 147 7.35 -2.18 -11.54
CA HIS A 147 8.63 -1.71 -11.02
C HIS A 147 8.85 -2.15 -9.55
N LYS A 148 10.10 -2.38 -9.19
CA LYS A 148 10.42 -3.17 -7.98
C LYS A 148 11.77 -2.72 -7.41
N TRP A 149 11.96 -2.80 -6.08
CA TRP A 149 13.18 -2.26 -5.46
C TRP A 149 14.47 -2.76 -6.11
N ASN A 150 15.42 -1.87 -6.37
CA ASN A 150 16.66 -2.29 -7.02
C ASN A 150 17.67 -3.02 -6.11
N GLY A 151 17.31 -3.25 -4.86
CA GLY A 151 18.21 -3.96 -3.96
C GLY A 151 19.25 -3.14 -3.21
N HIS A 152 19.57 -1.93 -3.67
CA HIS A 152 20.65 -1.17 -3.04
C HIS A 152 20.48 0.34 -2.88
N ASP A 153 19.65 0.97 -3.71
CA ASP A 153 19.45 2.41 -3.61
C ASP A 153 18.41 2.80 -2.55
N GLU A 154 18.45 4.08 -2.16
CA GLU A 154 17.45 4.66 -1.24
C GLU A 154 16.11 4.86 -1.92
N VAL A 155 15.03 4.75 -1.15
CA VAL A 155 13.69 4.89 -1.66
C VAL A 155 12.99 6.03 -0.96
N GLN A 156 11.79 6.36 -1.43
CA GLN A 156 10.94 7.35 -0.76
C GLN A 156 9.56 6.83 -0.50
N MET A 157 9.02 7.18 0.66
CA MET A 157 7.66 6.85 0.94
C MET A 157 6.84 8.10 0.78
N ILE A 158 5.77 8.03 0.00
CA ILE A 158 4.86 9.14 -0.10
C ILE A 158 3.88 8.91 1.05
N VAL A 159 4.22 9.46 2.23
CA VAL A 159 3.46 9.18 3.44
C VAL A 159 2.12 9.91 3.44
N VAL A 160 1.06 9.14 3.27
CA VAL A 160 -0.31 9.65 3.27
C VAL A 160 -0.92 9.34 4.62
N GLU A 161 -0.33 9.93 5.66
CA GLU A 161 -0.80 9.87 7.03
C GLU A 161 -2.13 10.56 7.17
N PRO A 162 -3.08 9.95 7.89
CA PRO A 162 -4.38 10.56 8.04
C PRO A 162 -4.27 11.80 8.88
N GLY A 163 -4.99 12.83 8.51
CA GLY A 163 -4.98 14.05 9.28
C GLY A 163 -3.82 14.97 8.99
N LYS A 164 -2.78 14.45 8.36
CA LYS A 164 -1.59 15.26 8.05
C LYS A 164 -1.50 15.59 6.55
N ASN A 165 -0.72 16.62 6.24
CA ASN A 165 -0.37 16.90 4.86
C ASN A 165 0.54 15.83 4.31
N VAL A 166 0.41 15.56 3.02
CA VAL A 166 1.21 14.51 2.41
C VAL A 166 2.68 14.96 2.40
N LYS A 167 3.58 14.10 2.87
CA LYS A 167 5.02 14.36 2.74
C LYS A 167 5.78 13.14 2.17
N ASN A 168 6.90 13.40 1.49
CA ASN A 168 7.83 12.32 1.16
C ASN A 168 8.88 12.18 2.23
N VAL A 169 9.16 10.96 2.67
CA VAL A 169 10.31 10.69 3.52
C VAL A 169 11.22 9.68 2.82
N GLN A 170 12.52 9.81 3.04
CA GLN A 170 13.47 8.99 2.34
C GLN A 170 14.25 8.07 3.27
N THR A 171 14.40 6.82 2.88
CA THR A 171 15.06 5.85 3.72
C THR A 171 15.84 4.86 2.86
N LYS A 172 16.92 4.32 3.41
CA LYS A 172 17.59 3.19 2.80
C LYS A 172 17.00 1.93 3.39
N PRO A 173 16.27 1.16 2.57
CA PRO A 173 15.57 -0.03 3.07
C PRO A 173 16.55 -1.05 3.59
N GLY A 174 16.12 -1.84 4.58
CA GLY A 174 16.82 -3.04 5.00
C GLY A 174 16.17 -4.18 4.26
N VAL A 175 16.37 -5.41 4.74
CA VAL A 175 15.74 -6.54 4.06
C VAL A 175 15.13 -7.62 4.97
N PHE A 176 13.98 -8.14 4.53
CA PHE A 176 13.40 -9.32 5.09
C PHE A 176 14.00 -10.54 4.39
N LYS A 177 14.61 -11.43 5.18
CA LYS A 177 15.20 -12.66 4.66
C LYS A 177 14.24 -13.83 4.89
N THR A 178 13.58 -14.26 3.83
CA THR A 178 12.57 -15.31 3.90
C THR A 178 13.00 -16.52 3.08
N PRO A 179 12.28 -17.67 3.22
CA PRO A 179 12.58 -18.85 2.40
C PRO A 179 12.22 -18.61 0.93
N GLU A 180 11.10 -17.94 0.69
CA GLU A 180 10.76 -17.45 -0.66
C GLU A 180 11.85 -16.51 -1.30
N GLY A 181 12.82 -16.01 -0.50
CA GLY A 181 13.83 -15.04 -0.99
C GLY A 181 13.90 -13.72 -0.22
N GLU A 182 14.55 -12.70 -0.79
CA GLU A 182 14.70 -11.39 -0.11
C GLU A 182 13.64 -10.34 -0.51
N ILE A 183 13.29 -9.46 0.41
CA ILE A 183 12.35 -8.35 0.18
C ILE A 183 12.89 -7.12 0.89
N GLY A 184 12.87 -5.97 0.24
CA GLY A 184 13.13 -4.72 0.94
C GLY A 184 12.16 -4.44 2.08
N ALA A 185 12.68 -3.81 3.13
CA ALA A 185 11.86 -3.45 4.28
C ALA A 185 12.21 -2.07 4.79
N VAL A 186 11.21 -1.27 5.11
CA VAL A 186 11.47 0.05 5.65
C VAL A 186 11.09 0.16 7.11
N THR A 187 11.95 0.86 7.84
CA THR A 187 11.79 1.06 9.27
C THR A 187 11.11 2.41 9.48
N LEU A 188 9.83 2.46 9.14
CA LEU A 188 9.03 3.65 9.29
C LEU A 188 7.72 3.28 9.99
N ASP A 189 7.30 4.12 10.95
CA ASP A 189 6.16 3.83 11.81
C ASP A 189 5.01 4.82 11.66
N TYR A 190 4.01 4.46 10.87
CA TYR A 190 2.87 5.35 10.69
C TYR A 190 1.53 4.79 11.18
N PRO A 191 0.54 5.67 11.37
CA PRO A 191 -0.77 5.20 11.79
C PRO A 191 -1.38 4.24 10.79
N THR A 192 -2.26 3.37 11.29
CA THR A 192 -2.88 2.31 10.50
C THR A 192 -3.59 2.78 9.18
N GLY A 193 -4.06 4.03 9.14
CA GLY A 193 -4.69 4.58 7.95
C GLY A 193 -3.68 4.96 6.88
N THR A 194 -2.39 4.89 7.21
CA THR A 194 -1.33 5.17 6.25
C THR A 194 -0.98 3.95 5.37
N SER A 195 -1.56 2.81 5.69
CA SER A 195 -1.37 1.60 4.92
C SER A 195 -1.76 1.82 3.47
N GLY A 196 -0.98 1.22 2.56
CA GLY A 196 -1.22 1.38 1.12
C GLY A 196 -0.57 2.61 0.54
N SER A 197 0.11 3.39 1.37
CA SER A 197 0.93 4.48 0.88
C SER A 197 2.00 3.90 -0.03
N PRO A 198 2.23 4.55 -1.18
CA PRO A 198 3.20 4.10 -2.16
C PRO A 198 4.64 4.41 -1.77
N ILE A 199 5.54 3.55 -2.23
CA ILE A 199 6.97 3.76 -2.09
C ILE A 199 7.59 3.82 -3.47
N VAL A 200 8.25 4.93 -3.76
CA VAL A 200 8.77 5.18 -5.10
C VAL A 200 10.28 5.05 -5.18
N ASP A 201 10.80 5.02 -6.40
CA ASP A 201 12.24 5.01 -6.66
C ASP A 201 12.60 6.32 -7.35
N LYS A 202 13.90 6.59 -7.54
CA LYS A 202 14.35 7.89 -8.07
C LYS A 202 13.59 8.31 -9.33
N ASN A 203 13.10 7.35 -10.11
CA ASN A 203 12.38 7.65 -11.35
C ASN A 203 10.90 7.83 -11.13
N GLY A 204 10.48 7.88 -9.88
CA GLY A 204 9.07 8.09 -9.59
C GLY A 204 8.18 6.90 -9.88
N ASP A 205 8.78 5.75 -10.16
CA ASP A 205 8.02 4.52 -10.25
C ASP A 205 7.63 4.01 -8.86
N VAL A 206 6.42 3.48 -8.72
CA VAL A 206 6.01 2.88 -7.45
C VAL A 206 6.60 1.49 -7.36
N ILE A 207 7.50 1.30 -6.41
CA ILE A 207 8.16 0.00 -6.28
C ILE A 207 7.53 -0.88 -5.21
N GLY A 208 6.47 -0.37 -4.59
CA GLY A 208 5.75 -1.12 -3.57
C GLY A 208 4.86 -0.26 -2.69
N LEU A 209 4.22 -0.91 -1.73
CA LEU A 209 3.27 -0.26 -0.85
C LEU A 209 3.62 -0.45 0.62
N TYR A 210 3.24 0.52 1.44
CA TYR A 210 3.55 0.48 2.84
C TYR A 210 2.46 -0.17 3.69
N GLY A 211 2.86 -0.88 4.73
CA GLY A 211 1.93 -1.23 5.78
C GLY A 211 1.82 -2.65 6.31
N ASN A 212 2.48 -3.62 5.69
CA ASN A 212 2.48 -4.98 6.21
C ASN A 212 3.88 -5.33 6.65
N GLY A 213 4.06 -5.67 7.92
CA GLY A 213 5.40 -5.91 8.42
C GLY A 213 5.50 -6.64 9.74
N VAL A 214 6.57 -6.35 10.48
CA VAL A 214 6.79 -6.96 11.79
C VAL A 214 7.15 -5.91 12.81
N ILE A 215 6.94 -6.26 14.07
CA ILE A 215 7.44 -5.47 15.18
C ILE A 215 8.62 -6.25 15.73
N MET A 216 9.77 -5.61 15.71
CA MET A 216 11.01 -6.20 16.16
C MET A 216 10.96 -6.44 17.66
N PRO A 217 11.92 -7.22 18.19
CA PRO A 217 11.81 -7.45 19.63
C PRO A 217 12.31 -6.24 20.47
N ASN A 218 13.06 -5.33 19.85
CA ASN A 218 13.43 -4.07 20.47
C ASN A 218 12.33 -3.02 20.31
N GLY A 219 11.17 -3.45 19.80
CA GLY A 219 10.04 -2.56 19.61
C GLY A 219 9.82 -1.85 18.27
N SER A 220 10.82 -1.81 17.39
CA SER A 220 10.68 -1.11 16.09
C SER A 220 9.73 -1.79 15.11
N TYR A 221 8.85 -1.00 14.48
CA TYR A 221 8.01 -1.56 13.42
C TYR A 221 8.79 -1.56 12.11
N ILE A 222 8.68 -2.64 11.34
CA ILE A 222 9.25 -2.64 9.99
C ILE A 222 8.22 -3.09 8.98
N SER A 223 8.12 -2.32 7.89
CA SER A 223 7.22 -2.69 6.80
C SER A 223 8.01 -3.28 5.67
N ALA A 224 7.44 -4.29 5.05
CA ALA A 224 7.92 -4.79 3.80
C ALA A 224 7.56 -3.76 2.73
N ILE A 225 8.41 -3.61 1.74
CA ILE A 225 7.95 -2.98 0.51
C ILE A 225 7.03 -4.01 -0.18
N VAL A 226 5.73 -3.90 0.11
CA VAL A 226 4.74 -4.81 -0.44
C VAL A 226 4.66 -4.63 -1.94
N GLN A 227 4.83 -5.73 -2.67
CA GLN A 227 4.88 -5.67 -4.13
C GLN A 227 4.59 -7.04 -4.80
N GLY A 228 4.36 -6.99 -6.11
CA GLY A 228 4.15 -8.19 -6.93
C GLY A 228 5.37 -9.08 -7.05
N GLU A 229 5.10 -10.40 -7.13
CA GLU A 229 6.09 -11.53 -7.23
C GLU A 229 7.47 -11.40 -6.50
#